data_1KN4
#
_entry.id   1KN4
#
_cell.length_a   78.251
_cell.length_b   78.251
_cell.length_c   158.805
_cell.angle_alpha   90.00
_cell.angle_beta   90.00
_cell.angle_gamma   120.00
#
_symmetry.space_group_name_H-M   'P 31 2 1'
#
loop_
_entity.id
_entity.type
_entity.pdbx_description
1 polymer 'IG ANTIBODY D2.3 (LIGHT CHAIN)'
2 polymer 'IG ANTIBODY D2.3 (HEAVY CHAIN)'
3 non-polymer 'ZINC ION'
4 non-polymer 'PARA-NITROPHENYL PHOSPHONOBUTANOYL D-ALANINE'
5 water water
#
loop_
_entity_poly.entity_id
_entity_poly.type
_entity_poly.pdbx_seq_one_letter_code
_entity_poly.pdbx_strand_id
1 'polypeptide(L)'
;DIVMTQSPLTLSVTIGQPASISCKSSQSLLYSNGKTYLNWLLQRPGQSPKRLIHLVSKLDSGVPDRITGSGSGTDFTLKI
SRVEAADLGVYYCVQGTHFPYTFGGGTKLEILRADAAPTVSIFPPSSEQLTSGGASVVCFLNNFYPKDINVKWKIDGSER
QNGVLNSWTDQDSKDSTYSMSSTLTLTKDEYERHNSYTCEATHKTSTSPIVKSFNRNEC
;
L
2 'polypeptide(L)'
;EMQLQQSGAELLRPGTSVKLSCKTSGYIFTSYWIHWVKQRSGQGLEWIARIYPGTGSTYYNEKFKGKATLTADKSSSTAY
MQLSTLKSEDSAVYFCTRWGFIPVREDYVMDYWGQGTLVTVSSAKTTAPSVYPLAPVCGDTTGSSVTLGCLVKGYFPEPV
TLTWNSGSLSSGVHTFPAVLQSDLYTLSSSVTVTSSTWPSQSITCNVAHPASSTKVDKKIEP
;
H
#
loop_
_chem_comp.id
_chem_comp.type
_chem_comp.name
_chem_comp.formula
PDE non-polymer 'PARA-NITROPHENYL PHOSPHONOBUTANOYL D-ALANINE' 'C13 H17 N2 O8 P'
ZN non-polymer 'ZINC ION' 'Zn 2'
#
# COMPACT_ATOMS: atom_id res chain seq x y z
N ASP A 1 18.78 0.97 -22.37
CA ASP A 1 18.74 0.33 -21.03
C ASP A 1 18.28 -1.13 -21.18
N ILE A 2 18.68 -1.98 -20.24
CA ILE A 2 18.31 -3.39 -20.26
C ILE A 2 16.87 -3.49 -19.83
N VAL A 3 16.06 -4.19 -20.61
CA VAL A 3 14.66 -4.43 -20.25
C VAL A 3 14.59 -5.79 -19.53
N MET A 4 13.92 -5.81 -18.38
CA MET A 4 13.75 -7.01 -17.59
C MET A 4 12.28 -7.42 -17.68
N THR A 5 12.02 -8.62 -18.16
CA THR A 5 10.66 -9.13 -18.30
C THR A 5 10.33 -10.27 -17.31
N GLN A 6 9.37 -10.05 -16.41
CA GLN A 6 8.98 -11.08 -15.43
C GLN A 6 7.66 -11.71 -15.78
N SER A 7 7.58 -13.02 -15.55
CA SER A 7 6.36 -13.76 -15.78
C SER A 7 6.33 -14.86 -14.72
N PRO A 8 5.14 -15.16 -14.19
CA PRO A 8 3.87 -14.51 -14.56
C PRO A 8 3.70 -13.15 -13.84
N LEU A 9 2.62 -12.43 -14.14
CA LEU A 9 2.31 -11.16 -13.50
C LEU A 9 1.85 -11.40 -12.07
N THR A 10 1.03 -12.44 -11.91
CA THR A 10 0.50 -12.84 -10.60
C THR A 10 0.47 -14.37 -10.54
N LEU A 11 0.65 -14.91 -9.34
CA LEU A 11 0.54 -16.34 -9.16
C LEU A 11 -0.16 -16.60 -7.85
N SER A 12 -1.08 -17.55 -7.87
CA SER A 12 -1.89 -17.90 -6.72
C SER A 12 -1.48 -19.32 -6.36
N VAL A 13 -0.88 -19.50 -5.19
CA VAL A 13 -0.37 -20.81 -4.74
C VAL A 13 -0.87 -21.15 -3.34
N THR A 14 -1.19 -22.42 -3.06
CA THR A 14 -1.63 -22.75 -1.71
C THR A 14 -0.44 -23.03 -0.79
N ILE A 15 -0.57 -22.74 0.50
CA ILE A 15 0.47 -23.00 1.49
C ILE A 15 0.98 -24.47 1.44
N GLY A 16 2.29 -24.62 1.28
CA GLY A 16 2.89 -25.94 1.19
C GLY A 16 3.31 -26.31 -0.23
N GLN A 17 2.82 -25.60 -1.24
CA GLN A 17 3.19 -25.91 -2.62
C GLN A 17 4.37 -25.06 -3.15
N PRO A 18 5.06 -25.51 -4.21
CA PRO A 18 6.18 -24.75 -4.75
C PRO A 18 5.73 -23.64 -5.74
N ALA A 19 6.58 -22.65 -5.94
CA ALA A 19 6.26 -21.57 -6.87
C ALA A 19 7.53 -21.15 -7.55
N SER A 20 7.41 -20.72 -8.79
CA SER A 20 8.57 -20.24 -9.49
C SER A 20 8.20 -19.06 -10.37
N ILE A 21 9.10 -18.08 -10.34
CA ILE A 21 8.96 -16.84 -11.06
C ILE A 21 10.12 -16.75 -12.04
N SER A 22 9.81 -16.27 -13.23
CA SER A 22 10.79 -16.16 -14.29
C SER A 22 11.15 -14.69 -14.56
N CYS A 23 12.41 -14.46 -14.90
CA CYS A 23 12.92 -13.14 -15.24
C CYS A 23 13.85 -13.26 -16.48
N LYS A 24 13.60 -12.44 -17.50
CA LYS A 24 14.36 -12.45 -18.78
C LYS A 24 14.94 -11.06 -18.99
N SER A 25 16.16 -10.99 -19.54
CA SER A 25 16.79 -9.69 -19.79
C SER A 25 17.05 -9.50 -21.28
N SER A 26 17.06 -8.26 -21.74
CA SER A 26 17.32 -7.98 -23.14
C SER A 26 18.81 -8.09 -23.52
N GLN A 27 19.69 -8.12 -22.53
CA GLN A 27 21.13 -8.28 -22.76
C GLN A 27 21.58 -9.36 -21.78
N SER A 28 22.67 -10.04 -22.10
CA SER A 28 23.23 -11.04 -21.21
C SER A 28 23.65 -10.27 -19.97
N LEU A 29 23.45 -10.85 -18.79
CA LEU A 29 23.82 -10.20 -17.55
C LEU A 29 25.20 -10.62 -17.06
N LEU A 30 25.97 -11.27 -17.92
CA LEU A 30 27.33 -11.69 -17.55
C LEU A 30 28.21 -10.44 -17.59
N TYR A 31 28.77 -10.06 -16.44
CA TYR A 31 29.64 -8.91 -16.37
C TYR A 31 31.06 -9.32 -16.85
N SER A 32 31.87 -8.34 -17.25
CA SER A 32 33.22 -8.57 -17.75
C SER A 32 34.20 -9.24 -16.76
N ASN A 33 33.86 -9.28 -15.48
CA ASN A 33 34.71 -9.95 -14.48
C ASN A 33 34.19 -11.40 -14.26
N GLY A 34 33.24 -11.82 -15.07
CA GLY A 34 32.69 -13.17 -14.95
C GLY A 34 31.56 -13.37 -13.94
N LYS A 35 31.17 -12.31 -13.26
CA LYS A 35 30.09 -12.39 -12.30
C LYS A 35 28.78 -11.97 -12.96
N THR A 36 27.66 -12.48 -12.47
CA THR A 36 26.36 -12.13 -12.98
C THR A 36 25.59 -11.44 -11.86
N TYR A 37 25.43 -10.12 -12.01
CA TYR A 37 24.76 -9.30 -11.01
C TYR A 37 23.25 -9.25 -11.17
N LEU A 38 22.58 -10.33 -10.77
CA LEU A 38 21.11 -10.42 -10.85
C LEU A 38 20.63 -10.64 -9.40
N ASN A 39 19.78 -9.74 -8.92
CA ASN A 39 19.23 -9.79 -7.57
C ASN A 39 17.71 -10.02 -7.56
N TRP A 40 17.19 -10.50 -6.44
CA TRP A 40 15.75 -10.71 -6.29
C TRP A 40 15.36 -10.01 -5.00
N LEU A 41 14.32 -9.18 -5.08
CA LEU A 41 13.81 -8.44 -3.92
C LEU A 41 12.36 -8.83 -3.69
N LEU A 42 11.94 -8.70 -2.44
CA LEU A 42 10.57 -8.99 -2.08
C LEU A 42 10.04 -7.73 -1.41
N GLN A 43 8.86 -7.28 -1.84
CA GLN A 43 8.24 -6.14 -1.19
C GLN A 43 6.92 -6.61 -0.61
N ARG A 44 6.86 -6.75 0.71
CA ARG A 44 5.65 -7.18 1.41
C ARG A 44 4.69 -6.00 1.50
N PRO A 45 3.38 -6.26 1.54
CA PRO A 45 2.39 -5.16 1.61
C PRO A 45 2.74 -4.12 2.69
N GLY A 46 2.85 -2.86 2.25
CA GLY A 46 3.17 -1.75 3.15
C GLY A 46 4.58 -1.67 3.73
N GLN A 47 5.50 -2.45 3.20
CA GLN A 47 6.88 -2.46 3.67
C GLN A 47 7.79 -2.03 2.53
N SER A 48 9.04 -1.70 2.87
CA SER A 48 10.04 -1.32 1.88
C SER A 48 10.55 -2.62 1.22
N PRO A 49 11.14 -2.53 0.04
CA PRO A 49 11.65 -3.76 -0.62
C PRO A 49 12.80 -4.36 0.22
N LYS A 50 13.10 -5.65 0.06
CA LYS A 50 14.21 -6.30 0.78
C LYS A 50 14.88 -7.29 -0.18
N ARG A 51 16.21 -7.35 -0.20
CA ARG A 51 16.88 -8.29 -1.08
C ARG A 51 16.87 -9.68 -0.47
N LEU A 52 16.50 -10.65 -1.30
CA LEU A 52 16.43 -12.05 -0.93
C LEU A 52 17.67 -12.77 -1.47
N ILE A 53 18.03 -12.43 -2.71
CA ILE A 53 19.11 -13.07 -3.41
C ILE A 53 20.01 -12.11 -4.18
N HIS A 54 21.31 -12.42 -4.19
CA HIS A 54 22.28 -11.64 -4.96
C HIS A 54 23.15 -12.64 -5.72
N LEU A 55 23.80 -12.13 -6.77
CA LEU A 55 24.67 -12.95 -7.61
C LEU A 55 23.96 -14.21 -8.11
N VAL A 56 22.70 -14.05 -8.54
CA VAL A 56 21.87 -15.11 -9.09
C VAL A 56 21.34 -16.20 -8.15
N SER A 57 22.20 -16.70 -7.27
CA SER A 57 21.82 -17.81 -6.40
C SER A 57 22.25 -17.73 -4.95
N LYS A 58 22.99 -16.68 -4.59
CA LYS A 58 23.44 -16.53 -3.22
C LYS A 58 22.35 -15.88 -2.36
N LEU A 59 21.96 -16.57 -1.30
CA LEU A 59 20.94 -16.08 -0.39
C LEU A 59 21.49 -15.03 0.55
N ASP A 60 20.73 -13.95 0.78
CA ASP A 60 21.19 -12.95 1.73
C ASP A 60 20.99 -13.52 3.12
N SER A 61 21.68 -12.91 4.08
CA SER A 61 21.60 -13.32 5.47
C SER A 61 20.19 -13.20 6.01
N GLY A 62 19.74 -14.25 6.70
CA GLY A 62 18.42 -14.23 7.29
C GLY A 62 17.29 -14.65 6.37
N VAL A 63 17.61 -14.99 5.13
CA VAL A 63 16.62 -15.43 4.16
C VAL A 63 16.49 -16.96 4.22
N PRO A 64 15.25 -17.48 4.33
CA PRO A 64 15.00 -18.93 4.39
C PRO A 64 15.53 -19.63 3.14
N ASP A 65 16.19 -20.78 3.30
CA ASP A 65 16.68 -21.50 2.14
C ASP A 65 15.63 -22.28 1.37
N ARG A 66 14.35 -22.03 1.69
CA ARG A 66 13.23 -22.60 0.96
C ARG A 66 13.25 -21.83 -0.38
N ILE A 67 13.90 -20.67 -0.38
CA ILE A 67 14.03 -19.81 -1.57
C ILE A 67 15.33 -20.13 -2.30
N THR A 68 15.28 -20.34 -3.61
CA THR A 68 16.52 -20.58 -4.35
C THR A 68 16.44 -19.81 -5.65
N GLY A 69 17.59 -19.50 -6.21
CA GLY A 69 17.63 -18.77 -7.47
C GLY A 69 18.61 -19.47 -8.38
N SER A 70 18.35 -19.41 -9.68
CA SER A 70 19.23 -20.04 -10.64
C SER A 70 19.09 -19.28 -11.96
N GLY A 71 19.91 -19.68 -12.94
CA GLY A 71 19.89 -19.06 -14.26
C GLY A 71 21.25 -18.56 -14.71
N SER A 72 21.30 -18.05 -15.94
CA SER A 72 22.52 -17.49 -16.48
C SER A 72 22.19 -16.82 -17.81
N GLY A 73 23.06 -15.90 -18.22
CA GLY A 73 22.88 -15.21 -19.47
C GLY A 73 21.73 -14.23 -19.41
N THR A 74 20.63 -14.61 -20.05
CA THR A 74 19.44 -13.75 -20.12
C THR A 74 18.20 -14.33 -19.43
N ASP A 75 18.33 -15.53 -18.86
CA ASP A 75 17.20 -16.21 -18.24
C ASP A 75 17.49 -16.64 -16.81
N PHE A 76 16.62 -16.19 -15.90
CA PHE A 76 16.77 -16.44 -14.46
C PHE A 76 15.46 -16.87 -13.86
N THR A 77 15.54 -17.62 -12.76
CA THR A 77 14.36 -18.16 -12.09
C THR A 77 14.48 -18.12 -10.58
N LEU A 78 13.42 -17.69 -9.89
CA LEU A 78 13.41 -17.72 -8.44
C LEU A 78 12.44 -18.83 -8.07
N LYS A 79 12.83 -19.74 -7.19
CA LYS A 79 11.93 -20.80 -6.79
C LYS A 79 11.75 -20.82 -5.28
N ILE A 80 10.53 -21.11 -4.86
CA ILE A 80 10.18 -21.24 -3.45
C ILE A 80 9.71 -22.69 -3.38
N SER A 81 10.45 -23.51 -2.64
CA SER A 81 10.14 -24.93 -2.50
C SER A 81 8.81 -25.23 -1.83
N ARG A 82 8.50 -24.50 -0.77
CA ARG A 82 7.27 -24.70 0.00
C ARG A 82 6.78 -23.31 0.39
N VAL A 83 5.65 -22.85 -0.13
CA VAL A 83 5.14 -21.51 0.21
C VAL A 83 4.53 -21.43 1.60
N GLU A 84 4.83 -20.33 2.29
CA GLU A 84 4.29 -20.06 3.61
C GLU A 84 3.56 -18.72 3.47
N ALA A 85 2.74 -18.38 4.45
CA ALA A 85 1.97 -17.14 4.43
C ALA A 85 2.83 -15.87 4.33
N ALA A 86 3.98 -15.88 5.01
CA ALA A 86 4.90 -14.74 5.01
C ALA A 86 5.53 -14.41 3.64
N ASP A 87 5.33 -15.28 2.65
CA ASP A 87 5.89 -15.07 1.31
C ASP A 87 5.01 -14.16 0.44
N LEU A 88 3.88 -13.74 1.01
CA LEU A 88 2.95 -12.86 0.31
C LEU A 88 3.59 -11.48 0.00
N GLY A 89 3.47 -11.04 -1.24
CA GLY A 89 4.04 -9.76 -1.61
C GLY A 89 4.43 -9.73 -3.08
N VAL A 90 5.20 -8.71 -3.48
CA VAL A 90 5.61 -8.63 -4.88
C VAL A 90 7.11 -8.90 -4.99
N TYR A 91 7.46 -9.77 -5.92
CA TYR A 91 8.85 -10.16 -6.15
C TYR A 91 9.37 -9.43 -7.38
N TYR A 92 10.59 -8.93 -7.28
CA TYR A 92 11.21 -8.21 -8.40
C TYR A 92 12.62 -8.73 -8.67
N CYS A 93 12.99 -8.83 -9.94
CA CYS A 93 14.38 -9.17 -10.28
C CYS A 93 14.93 -7.80 -10.70
N VAL A 94 16.18 -7.54 -10.34
CA VAL A 94 16.84 -6.26 -10.68
C VAL A 94 18.28 -6.57 -11.08
N GLN A 95 18.70 -6.02 -12.22
CA GLN A 95 20.05 -6.25 -12.73
C GLN A 95 20.99 -5.09 -12.44
N GLY A 96 22.23 -5.40 -12.09
CA GLY A 96 23.22 -4.38 -11.82
C GLY A 96 24.45 -4.52 -12.73
N THR A 97 24.37 -5.38 -13.74
CA THR A 97 25.49 -5.62 -14.67
C THR A 97 25.68 -4.50 -15.66
N HIS A 98 24.58 -3.89 -16.08
CA HIS A 98 24.61 -2.80 -17.05
C HIS A 98 24.07 -1.54 -16.41
N PHE A 99 24.68 -0.42 -16.75
CA PHE A 99 24.29 0.89 -16.24
C PHE A 99 23.28 1.52 -17.22
N PRO A 100 22.15 2.05 -16.71
CA PRO A 100 21.75 2.11 -15.29
C PRO A 100 21.08 0.80 -14.86
N TYR A 101 21.03 0.57 -13.55
CA TYR A 101 20.40 -0.65 -12.99
C TYR A 101 18.92 -0.61 -13.31
N THR A 102 18.35 -1.73 -13.74
CA THR A 102 16.93 -1.78 -14.10
C THR A 102 16.20 -2.95 -13.43
N PHE A 103 14.91 -2.75 -13.16
CA PHE A 103 14.03 -3.71 -12.49
C PHE A 103 13.02 -4.36 -13.42
N GLY A 104 12.57 -5.54 -13.03
CA GLY A 104 11.53 -6.24 -13.78
C GLY A 104 10.26 -5.58 -13.25
N GLY A 105 9.14 -5.83 -13.91
CA GLY A 105 7.87 -5.23 -13.51
C GLY A 105 7.21 -5.82 -12.28
N GLY A 106 7.78 -6.89 -11.72
CA GLY A 106 7.21 -7.49 -10.53
C GLY A 106 6.22 -8.61 -10.75
N THR A 107 6.20 -9.55 -9.81
CA THR A 107 5.27 -10.69 -9.84
C THR A 107 4.60 -10.75 -8.48
N LYS A 108 3.28 -10.61 -8.46
CA LYS A 108 2.57 -10.64 -7.20
C LYS A 108 2.23 -12.08 -6.79
N LEU A 109 2.66 -12.48 -5.60
CA LEU A 109 2.36 -13.80 -5.11
C LEU A 109 1.19 -13.69 -4.14
N GLU A 110 0.13 -14.43 -4.43
CA GLU A 110 -1.05 -14.46 -3.57
C GLU A 110 -1.31 -15.89 -3.12
N ILE A 111 -1.66 -16.04 -1.85
CA ILE A 111 -1.91 -17.37 -1.35
C ILE A 111 -3.36 -17.82 -1.56
N LEU A 112 -3.49 -18.91 -2.32
CA LEU A 112 -4.76 -19.50 -2.65
C LEU A 112 -5.27 -20.21 -1.42
N ARG A 113 -6.49 -19.89 -1.01
CA ARG A 113 -7.10 -20.51 0.16
C ARG A 113 -8.52 -20.97 -0.24
N ALA A 114 -9.25 -21.61 0.67
CA ALA A 114 -10.62 -22.07 0.35
C ALA A 114 -11.56 -20.87 0.16
N ASP A 115 -12.59 -21.06 -0.66
CA ASP A 115 -13.58 -20.00 -0.90
C ASP A 115 -14.17 -19.53 0.41
N ALA A 116 -14.34 -18.22 0.55
CA ALA A 116 -14.94 -17.63 1.75
C ALA A 116 -15.99 -16.60 1.32
N ALA A 117 -17.17 -16.70 1.92
CA ALA A 117 -18.29 -15.82 1.64
C ALA A 117 -18.11 -14.51 2.39
N PRO A 118 -18.42 -13.38 1.75
CA PRO A 118 -18.30 -12.05 2.35
C PRO A 118 -19.30 -11.86 3.48
N THR A 119 -18.89 -11.17 4.52
CA THR A 119 -19.81 -10.81 5.60
C THR A 119 -20.07 -9.36 5.24
N VAL A 120 -21.34 -9.04 5.03
CA VAL A 120 -21.75 -7.70 4.63
C VAL A 120 -22.47 -6.92 5.73
N SER A 121 -22.10 -5.65 5.88
CA SER A 121 -22.70 -4.73 6.85
C SER A 121 -23.05 -3.46 6.10
N ILE A 122 -24.23 -2.90 6.35
CA ILE A 122 -24.63 -1.66 5.66
C ILE A 122 -24.90 -0.59 6.72
N PHE A 123 -24.59 0.66 6.41
CA PHE A 123 -24.76 1.76 7.36
C PHE A 123 -25.39 2.98 6.73
N PRO A 124 -26.47 3.50 7.33
CA PRO A 124 -27.18 4.69 6.83
C PRO A 124 -26.33 5.89 7.21
N PRO A 125 -26.60 7.07 6.63
CA PRO A 125 -25.82 8.27 6.96
C PRO A 125 -25.94 8.58 8.46
N SER A 126 -24.92 9.21 9.01
CA SER A 126 -24.97 9.59 10.42
C SER A 126 -25.71 10.93 10.50
N SER A 127 -26.19 11.28 11.69
CA SER A 127 -26.89 12.56 11.87
C SER A 127 -25.96 13.69 11.47
N GLU A 128 -24.72 13.61 11.96
CA GLU A 128 -23.70 14.61 11.65
C GLU A 128 -23.65 14.96 10.17
N GLN A 129 -23.47 13.96 9.32
CA GLN A 129 -23.39 14.21 7.89
C GLN A 129 -24.66 14.86 7.31
N LEU A 130 -25.83 14.36 7.72
CA LEU A 130 -27.10 14.88 7.24
C LEU A 130 -27.24 16.37 7.57
N THR A 131 -26.77 16.74 8.76
CA THR A 131 -26.81 18.12 9.21
C THR A 131 -26.10 19.02 8.20
N SER A 132 -24.99 18.53 7.66
CA SER A 132 -24.20 19.29 6.69
C SER A 132 -24.75 19.23 5.26
N GLY A 133 -25.84 18.48 5.05
CA GLY A 133 -26.42 18.37 3.72
C GLY A 133 -25.96 17.22 2.84
N GLY A 134 -25.16 16.32 3.37
CA GLY A 134 -24.69 15.19 2.58
C GLY A 134 -25.16 13.89 3.17
N ALA A 135 -25.13 12.82 2.40
CA ALA A 135 -25.57 11.55 2.95
C ALA A 135 -24.83 10.41 2.25
N SER A 136 -24.03 9.67 2.99
CA SER A 136 -23.30 8.55 2.40
C SER A 136 -23.80 7.26 3.03
N VAL A 137 -24.09 6.27 2.19
CA VAL A 137 -24.53 4.96 2.65
C VAL A 137 -23.29 4.09 2.41
N VAL A 138 -22.86 3.37 3.44
CA VAL A 138 -21.67 2.54 3.38
C VAL A 138 -21.94 1.05 3.50
N CYS A 139 -21.22 0.28 2.71
CA CYS A 139 -21.35 -1.14 2.72
C CYS A 139 -19.96 -1.77 2.81
N PHE A 140 -19.73 -2.58 3.83
CA PHE A 140 -18.45 -3.28 4.01
C PHE A 140 -18.69 -4.74 3.66
N LEU A 141 -17.83 -5.30 2.81
CA LEU A 141 -17.91 -6.71 2.41
C LEU A 141 -16.57 -7.26 2.88
N ASN A 142 -16.58 -7.83 4.08
CA ASN A 142 -15.39 -8.33 4.74
C ASN A 142 -15.05 -9.81 4.57
N ASN A 143 -13.75 -10.07 4.56
CA ASN A 143 -13.18 -11.42 4.52
C ASN A 143 -13.70 -12.40 3.50
N PHE A 144 -13.50 -12.12 2.23
CA PHE A 144 -13.95 -13.02 1.19
C PHE A 144 -12.76 -13.46 0.34
N TYR A 145 -12.97 -14.55 -0.39
CA TYR A 145 -11.96 -15.12 -1.29
C TYR A 145 -12.76 -15.94 -2.29
N PRO A 146 -12.45 -15.84 -3.61
CA PRO A 146 -11.47 -15.03 -4.35
C PRO A 146 -11.75 -13.54 -4.28
N LYS A 147 -10.81 -12.74 -4.75
CA LYS A 147 -10.94 -11.28 -4.76
C LYS A 147 -12.01 -10.79 -5.74
N ASP A 148 -12.28 -11.58 -6.78
CA ASP A 148 -13.26 -11.21 -7.81
C ASP A 148 -14.67 -11.03 -7.24
N ILE A 149 -15.16 -9.81 -7.23
CA ILE A 149 -16.49 -9.55 -6.70
C ILE A 149 -17.05 -8.33 -7.40
N ASN A 150 -18.36 -8.29 -7.59
CA ASN A 150 -19.01 -7.16 -8.26
C ASN A 150 -20.12 -6.62 -7.35
N VAL A 151 -20.03 -5.35 -6.97
CA VAL A 151 -21.06 -4.76 -6.12
C VAL A 151 -21.88 -3.71 -6.87
N LYS A 152 -23.18 -3.74 -6.68
CA LYS A 152 -24.06 -2.79 -7.30
C LYS A 152 -24.91 -2.16 -6.24
N TRP A 153 -25.29 -0.89 -6.43
CA TRP A 153 -26.18 -0.23 -5.48
C TRP A 153 -27.52 -0.09 -6.17
N LYS A 154 -28.59 -0.31 -5.41
CA LYS A 154 -29.95 -0.17 -5.93
C LYS A 154 -30.72 0.65 -4.94
N ILE A 155 -31.45 1.64 -5.45
CA ILE A 155 -32.28 2.50 -4.62
C ILE A 155 -33.71 2.31 -5.14
N ASP A 156 -34.58 1.80 -4.28
CA ASP A 156 -35.96 1.54 -4.66
C ASP A 156 -36.10 0.69 -5.92
N GLY A 157 -35.20 -0.28 -6.07
CA GLY A 157 -35.26 -1.16 -7.22
C GLY A 157 -34.46 -0.82 -8.47
N SER A 158 -33.99 0.41 -8.62
CA SER A 158 -33.21 0.72 -9.83
C SER A 158 -31.74 0.94 -9.47
N GLU A 159 -30.87 0.44 -10.34
CA GLU A 159 -29.45 0.55 -10.13
C GLU A 159 -28.98 2.00 -10.13
N ARG A 160 -28.08 2.31 -9.21
CA ARG A 160 -27.53 3.65 -9.09
C ARG A 160 -26.02 3.50 -9.34
N GLN A 161 -25.55 4.06 -10.45
CA GLN A 161 -24.13 3.96 -10.80
C GLN A 161 -23.30 5.19 -10.45
N ASN A 162 -23.95 6.34 -10.28
CA ASN A 162 -23.23 7.56 -9.98
C ASN A 162 -23.11 7.89 -8.51
N GLY A 163 -21.90 8.34 -8.14
CA GLY A 163 -21.57 8.72 -6.78
C GLY A 163 -21.09 7.56 -5.94
N VAL A 164 -20.57 6.52 -6.58
CA VAL A 164 -20.08 5.34 -5.87
C VAL A 164 -18.55 5.37 -5.79
N LEU A 165 -18.04 5.03 -4.62
CA LEU A 165 -16.61 5.06 -4.35
C LEU A 165 -16.22 3.72 -3.70
N ASN A 166 -15.45 2.90 -4.42
CA ASN A 166 -15.00 1.59 -3.91
C ASN A 166 -13.51 1.54 -3.58
N SER A 167 -13.15 0.70 -2.61
CA SER A 167 -11.76 0.55 -2.22
C SER A 167 -11.58 -0.88 -1.74
N TRP A 168 -10.44 -1.50 -2.08
CA TRP A 168 -10.16 -2.88 -1.64
C TRP A 168 -8.87 -2.90 -0.83
N THR A 169 -8.81 -3.80 0.16
CA THR A 169 -7.59 -3.97 0.95
C THR A 169 -6.77 -4.99 0.15
N ASP A 170 -5.49 -5.13 0.51
CA ASP A 170 -4.64 -6.12 -0.16
C ASP A 170 -4.94 -7.42 0.62
N GLN A 171 -4.42 -8.55 0.18
CA GLN A 171 -4.65 -9.80 0.89
C GLN A 171 -4.08 -9.77 2.31
N ASP A 172 -4.94 -10.09 3.27
CA ASP A 172 -4.60 -10.11 4.69
C ASP A 172 -3.66 -11.27 5.00
N SER A 173 -2.54 -10.99 5.66
CA SER A 173 -1.57 -12.04 6.00
C SER A 173 -1.96 -12.95 7.17
N LYS A 174 -3.17 -12.80 7.71
CA LYS A 174 -3.62 -13.65 8.83
C LYS A 174 -4.58 -14.78 8.37
N ASP A 175 -5.52 -14.45 7.51
CA ASP A 175 -6.47 -15.45 7.02
C ASP A 175 -6.53 -15.53 5.49
N SER A 176 -5.69 -14.75 4.82
CA SER A 176 -5.61 -14.72 3.35
C SER A 176 -6.88 -14.29 2.63
N THR A 177 -7.76 -13.54 3.29
CA THR A 177 -8.98 -13.10 2.63
C THR A 177 -8.84 -11.65 2.19
N TYR A 178 -9.82 -11.16 1.46
CA TYR A 178 -9.86 -9.78 1.00
C TYR A 178 -11.09 -9.09 1.61
N SER A 179 -11.07 -7.77 1.67
CA SER A 179 -12.18 -6.99 2.18
C SER A 179 -12.34 -5.79 1.25
N MET A 180 -13.56 -5.28 1.19
CA MET A 180 -13.85 -4.13 0.33
C MET A 180 -14.88 -3.24 0.98
N SER A 181 -14.79 -1.96 0.67
CA SER A 181 -15.70 -0.94 1.21
C SER A 181 -16.35 -0.31 -0.02
N SER A 182 -17.64 -0.01 0.08
CA SER A 182 -18.33 0.63 -1.03
C SER A 182 -19.20 1.74 -0.42
N THR A 183 -19.01 2.97 -0.89
CA THR A 183 -19.72 4.12 -0.37
C THR A 183 -20.52 4.86 -1.46
N LEU A 184 -21.82 5.00 -1.25
CA LEU A 184 -22.70 5.71 -2.18
C LEU A 184 -23.00 7.07 -1.53
N THR A 185 -22.66 8.15 -2.22
CA THR A 185 -22.89 9.49 -1.69
C THR A 185 -23.97 10.24 -2.50
N LEU A 186 -24.94 10.81 -1.78
CA LEU A 186 -26.03 11.57 -2.37
C LEU A 186 -26.16 12.84 -1.54
N THR A 187 -27.10 13.68 -1.93
CA THR A 187 -27.39 14.90 -1.19
C THR A 187 -28.39 14.46 -0.12
N LYS A 188 -28.53 15.21 0.97
CA LYS A 188 -29.50 14.87 2.03
C LYS A 188 -30.92 14.85 1.45
N ASP A 189 -31.22 15.82 0.60
CA ASP A 189 -32.53 15.93 -0.03
C ASP A 189 -32.92 14.69 -0.78
N GLU A 190 -32.03 14.22 -1.66
CA GLU A 190 -32.37 13.03 -2.41
C GLU A 190 -32.42 11.79 -1.53
N TYR A 191 -31.59 11.74 -0.50
CA TYR A 191 -31.58 10.60 0.40
C TYR A 191 -32.95 10.45 1.07
N GLU A 192 -33.52 11.58 1.47
CA GLU A 192 -34.81 11.58 2.14
C GLU A 192 -36.01 11.41 1.22
N ARG A 193 -35.75 11.23 -0.07
CA ARG A 193 -36.80 11.07 -1.05
C ARG A 193 -37.02 9.59 -1.44
N HIS A 194 -36.06 8.74 -1.09
CA HIS A 194 -36.11 7.32 -1.41
C HIS A 194 -36.35 6.48 -0.16
N ASN A 195 -36.67 5.20 -0.33
CA ASN A 195 -36.94 4.33 0.81
C ASN A 195 -35.93 3.26 1.06
N SER A 196 -35.77 2.39 0.08
CA SER A 196 -34.89 1.24 0.19
C SER A 196 -33.51 1.47 -0.39
N TYR A 197 -32.50 1.09 0.38
CA TYR A 197 -31.11 1.21 -0.03
C TYR A 197 -30.50 -0.18 0.03
N THR A 198 -30.11 -0.72 -1.12
CA THR A 198 -29.54 -2.07 -1.17
C THR A 198 -28.13 -2.14 -1.74
N CYS A 199 -27.30 -2.89 -1.03
CA CYS A 199 -25.92 -3.15 -1.39
C CYS A 199 -26.01 -4.58 -1.90
N GLU A 200 -25.73 -4.78 -3.19
CA GLU A 200 -25.85 -6.09 -3.80
C GLU A 200 -24.52 -6.57 -4.35
N ALA A 201 -24.13 -7.80 -4.01
CA ALA A 201 -22.85 -8.33 -4.47
C ALA A 201 -22.96 -9.68 -5.21
N THR A 202 -22.07 -9.86 -6.18
CA THR A 202 -21.97 -11.07 -6.97
C THR A 202 -20.63 -11.67 -6.60
N HIS A 203 -20.65 -12.93 -6.17
CA HIS A 203 -19.45 -13.64 -5.78
C HIS A 203 -19.60 -15.14 -6.02
N LYS A 204 -18.48 -15.76 -6.36
CA LYS A 204 -18.37 -17.20 -6.63
C LYS A 204 -19.05 -18.08 -5.58
N THR A 205 -19.03 -17.64 -4.32
CA THR A 205 -19.65 -18.41 -3.24
C THR A 205 -21.18 -18.52 -3.21
N SER A 206 -21.86 -17.92 -4.18
CA SER A 206 -23.31 -17.98 -4.19
C SER A 206 -23.84 -17.86 -5.61
N THR A 207 -24.84 -18.67 -5.95
CA THR A 207 -25.46 -18.63 -7.29
C THR A 207 -26.34 -17.39 -7.46
N SER A 208 -26.93 -16.92 -6.37
CA SER A 208 -27.78 -15.73 -6.41
C SER A 208 -27.03 -14.57 -5.74
N PRO A 209 -27.42 -13.32 -6.05
CA PRO A 209 -26.75 -12.15 -5.46
C PRO A 209 -26.85 -12.09 -3.92
N ILE A 210 -25.78 -11.62 -3.29
CA ILE A 210 -25.68 -11.49 -1.84
C ILE A 210 -26.19 -10.07 -1.56
N VAL A 211 -27.27 -10.00 -0.80
CA VAL A 211 -27.94 -8.73 -0.51
C VAL A 211 -27.90 -8.22 0.92
N LYS A 212 -27.82 -6.91 1.06
CA LYS A 212 -27.89 -6.26 2.36
C LYS A 212 -28.58 -4.93 2.12
N SER A 213 -29.64 -4.65 2.88
CA SER A 213 -30.37 -3.40 2.68
C SER A 213 -31.09 -2.89 3.92
N PHE A 214 -31.63 -1.69 3.80
CA PHE A 214 -32.39 -1.09 4.88
C PHE A 214 -33.40 -0.14 4.26
N ASN A 215 -34.48 0.10 4.98
CA ASN A 215 -35.53 1.00 4.54
C ASN A 215 -35.47 2.16 5.51
N ARG A 216 -35.40 3.39 5.00
CA ARG A 216 -35.36 4.54 5.87
C ARG A 216 -36.77 5.10 5.95
N ASN A 217 -37.27 5.27 7.17
CA ASN A 217 -38.60 5.81 7.36
C ASN A 217 -38.56 6.75 8.57
N GLU A 218 -39.49 6.64 9.51
CA GLU A 218 -39.49 7.52 10.70
C GLU A 218 -40.14 6.88 11.95
N CYS A 219 -39.45 7.00 13.10
CA CYS A 219 -39.85 6.50 14.45
C CYS A 219 -38.79 5.69 15.20
N GLU B 1 22.08 -1.76 15.72
CA GLU B 1 20.84 -1.87 14.95
C GLU B 1 20.94 -0.73 13.95
N MET B 2 21.03 -1.15 12.71
CA MET B 2 21.18 -0.27 11.58
C MET B 2 19.80 0.30 11.18
N GLN B 3 19.65 1.63 11.15
CA GLN B 3 18.40 2.27 10.77
C GLN B 3 18.51 3.49 9.87
N LEU B 4 17.53 3.62 8.97
CA LEU B 4 17.44 4.74 8.02
C LEU B 4 16.05 5.34 8.18
N GLN B 5 15.99 6.60 8.60
CA GLN B 5 14.71 7.29 8.79
C GLN B 5 14.55 8.40 7.77
N GLN B 6 13.49 8.33 6.99
CA GLN B 6 13.21 9.33 5.97
C GLN B 6 12.19 10.35 6.44
N SER B 7 12.25 11.53 5.83
CA SER B 7 11.34 12.60 6.14
C SER B 7 9.90 12.25 5.74
N GLY B 8 8.95 13.04 6.25
CA GLY B 8 7.53 12.82 5.98
C GLY B 8 7.01 13.18 4.61
N ALA B 9 5.76 12.82 4.36
CA ALA B 9 5.07 13.07 3.08
C ALA B 9 5.14 14.54 2.68
N GLU B 10 5.33 14.81 1.39
CA GLU B 10 5.42 16.18 0.94
C GLU B 10 4.40 16.50 -0.10
N LEU B 11 3.77 17.66 0.01
CA LEU B 11 2.80 18.12 -0.99
C LEU B 11 3.59 19.26 -1.63
N LEU B 12 3.90 19.13 -2.93
CA LEU B 12 4.67 20.14 -3.65
C LEU B 12 3.91 20.74 -4.80
N ARG B 13 4.09 22.04 -4.99
CA ARG B 13 3.43 22.73 -6.08
C ARG B 13 4.26 22.47 -7.35
N PRO B 14 3.59 22.31 -8.49
CA PRO B 14 4.27 22.06 -9.77
C PRO B 14 5.28 23.15 -10.03
N GLY B 15 6.43 22.78 -10.58
CA GLY B 15 7.47 23.75 -10.90
C GLY B 15 8.43 24.09 -9.76
N THR B 16 8.10 23.69 -8.54
CA THR B 16 8.96 23.96 -7.40
C THR B 16 9.89 22.75 -7.12
N SER B 17 10.66 22.81 -6.05
CA SER B 17 11.54 21.69 -5.76
C SER B 17 11.49 21.31 -4.28
N VAL B 18 11.89 20.07 -3.95
CA VAL B 18 11.89 19.58 -2.56
C VAL B 18 13.22 18.91 -2.24
N LYS B 19 13.55 18.87 -0.95
CA LYS B 19 14.77 18.21 -0.51
C LYS B 19 14.30 17.15 0.48
N LEU B 20 14.59 15.90 0.14
CA LEU B 20 14.21 14.77 0.98
C LEU B 20 15.41 14.37 1.81
N SER B 21 15.19 13.94 3.05
CA SER B 21 16.31 13.54 3.88
C SER B 21 16.24 12.06 4.28
N CYS B 22 17.41 11.48 4.49
CA CYS B 22 17.55 10.08 4.86
C CYS B 22 18.56 10.03 5.99
N LYS B 23 18.06 10.02 7.22
CA LYS B 23 18.92 10.02 8.41
C LYS B 23 19.29 8.60 8.82
N THR B 24 20.59 8.30 8.89
CA THR B 24 21.08 6.97 9.24
C THR B 24 21.74 6.90 10.63
N SER B 25 21.85 5.68 11.17
CA SER B 25 22.52 5.46 12.44
C SER B 25 22.82 3.96 12.54
N GLY B 26 23.74 3.59 13.41
CA GLY B 26 24.06 2.19 13.61
C GLY B 26 25.20 1.60 12.83
N TYR B 27 25.83 2.40 11.97
CA TYR B 27 26.96 1.92 11.17
C TYR B 27 27.78 3.14 10.77
N ILE B 28 28.96 2.93 10.21
CA ILE B 28 29.81 4.05 9.81
C ILE B 28 29.29 4.57 8.48
N PHE B 29 28.60 5.71 8.55
CA PHE B 29 27.96 6.40 7.40
C PHE B 29 28.86 6.59 6.18
N THR B 30 30.10 6.99 6.43
CA THR B 30 31.05 7.25 5.37
C THR B 30 31.60 6.04 4.60
N SER B 31 31.42 4.83 5.11
CA SER B 31 31.96 3.64 4.46
C SER B 31 31.07 2.89 3.50
N TYR B 32 29.82 3.31 3.33
CA TYR B 32 28.92 2.58 2.44
C TYR B 32 28.14 3.45 1.48
N TRP B 33 27.88 2.92 0.29
CA TRP B 33 27.10 3.64 -0.71
C TRP B 33 25.63 3.66 -0.29
N ILE B 34 25.00 4.81 -0.51
CA ILE B 34 23.59 5.02 -0.22
C ILE B 34 22.98 5.15 -1.63
N HIS B 35 21.90 4.40 -1.89
CA HIS B 35 21.22 4.44 -3.20
C HIS B 35 19.79 5.01 -2.99
N TRP B 36 19.23 5.62 -4.03
CA TRP B 36 17.86 6.14 -3.97
C TRP B 36 17.10 5.43 -5.09
N VAL B 37 15.89 5.00 -4.77
CA VAL B 37 15.01 4.25 -5.67
C VAL B 37 13.66 4.94 -5.71
N LYS B 38 13.02 4.92 -6.86
CA LYS B 38 11.73 5.55 -7.04
C LYS B 38 10.66 4.49 -7.30
N GLN B 39 9.47 4.68 -6.70
CA GLN B 39 8.34 3.76 -6.89
C GLN B 39 7.05 4.48 -7.27
N ARG B 40 6.54 4.21 -8.48
CA ARG B 40 5.31 4.83 -8.97
C ARG B 40 4.16 3.84 -9.00
N SER B 41 2.98 4.32 -8.62
CA SER B 41 1.73 3.55 -8.57
C SER B 41 1.86 2.06 -8.27
N GLY B 42 2.33 1.74 -7.07
CA GLY B 42 2.49 0.34 -6.70
C GLY B 42 3.73 -0.26 -7.35
N GLN B 43 3.59 -1.44 -7.95
CA GLN B 43 4.74 -2.10 -8.59
C GLN B 43 5.29 -1.34 -9.80
N GLY B 44 6.50 -0.79 -9.67
CA GLY B 44 7.12 -0.03 -10.75
C GLY B 44 8.34 0.70 -10.19
N LEU B 45 9.44 -0.03 -10.02
CA LEU B 45 10.68 0.50 -9.44
C LEU B 45 11.70 1.03 -10.46
N GLU B 46 12.37 2.12 -10.10
CA GLU B 46 13.40 2.71 -10.94
C GLU B 46 14.55 3.13 -10.05
N TRP B 47 15.78 2.85 -10.49
CA TRP B 47 16.98 3.21 -9.75
C TRP B 47 17.39 4.64 -10.15
N ILE B 48 17.60 5.50 -9.17
CA ILE B 48 17.94 6.89 -9.44
C ILE B 48 19.43 7.22 -9.47
N ALA B 49 20.09 7.04 -8.33
CA ALA B 49 21.50 7.37 -8.20
C ALA B 49 22.08 6.81 -6.91
N ARG B 50 23.41 6.91 -6.77
CA ARG B 50 24.11 6.45 -5.58
C ARG B 50 25.21 7.42 -5.21
N ILE B 51 25.43 7.54 -3.92
CA ILE B 51 26.45 8.42 -3.40
C ILE B 51 27.25 7.70 -2.32
N TYR B 52 28.54 8.01 -2.26
CA TYR B 52 29.44 7.46 -1.26
C TYR B 52 29.74 8.65 -0.36
N PRO B 53 29.11 8.72 0.83
CA PRO B 53 29.33 9.85 1.73
C PRO B 53 30.79 10.20 2.05
N GLY B 54 31.67 9.20 2.10
CA GLY B 54 33.07 9.43 2.41
C GLY B 54 33.76 10.45 1.52
N THR B 55 33.43 10.44 0.23
CA THR B 55 34.07 11.34 -0.72
C THR B 55 33.12 12.28 -1.45
N GLY B 56 31.83 12.00 -1.37
CA GLY B 56 30.87 12.83 -2.08
C GLY B 56 30.70 12.37 -3.52
N SER B 57 31.33 11.25 -3.88
CA SER B 57 31.24 10.70 -5.22
C SER B 57 29.80 10.21 -5.54
N THR B 58 29.26 10.61 -6.68
CA THR B 58 27.90 10.24 -7.10
C THR B 58 27.83 9.74 -8.56
N TYR B 59 26.89 8.82 -8.82
CA TYR B 59 26.64 8.28 -10.15
C TYR B 59 25.16 8.40 -10.37
N TYR B 60 24.76 8.91 -11.53
CA TYR B 60 23.36 9.10 -11.83
C TYR B 60 22.87 8.34 -13.02
N ASN B 61 21.61 7.93 -12.91
CA ASN B 61 20.92 7.28 -13.99
C ASN B 61 20.67 8.49 -14.93
N GLU B 62 21.00 8.36 -16.20
CA GLU B 62 20.82 9.44 -17.19
C GLU B 62 19.47 10.16 -17.10
N LYS B 63 18.38 9.40 -17.00
CA LYS B 63 17.03 9.98 -16.91
C LYS B 63 16.87 11.02 -15.82
N PHE B 64 17.66 10.93 -14.77
CA PHE B 64 17.53 11.84 -13.63
C PHE B 64 18.59 12.93 -13.46
N LYS B 65 19.53 13.05 -14.39
CA LYS B 65 20.53 14.13 -14.31
C LYS B 65 19.76 15.45 -14.47
N GLY B 66 19.96 16.38 -13.55
CA GLY B 66 19.24 17.64 -13.64
C GLY B 66 17.94 17.56 -12.88
N LYS B 67 17.44 16.36 -12.63
CA LYS B 67 16.21 16.23 -11.87
C LYS B 67 16.57 16.02 -10.40
N ALA B 68 17.53 15.13 -10.15
CA ALA B 68 17.94 14.80 -8.80
C ALA B 68 19.37 15.20 -8.49
N THR B 69 19.59 15.66 -7.28
CA THR B 69 20.93 16.00 -6.83
C THR B 69 21.10 15.36 -5.46
N LEU B 70 22.13 14.54 -5.32
CA LEU B 70 22.39 13.87 -4.04
C LEU B 70 23.50 14.51 -3.24
N THR B 71 23.29 14.67 -1.94
CA THR B 71 24.35 15.20 -1.06
C THR B 71 24.35 14.38 0.22
N ALA B 72 25.39 14.53 1.02
CA ALA B 72 25.47 13.78 2.28
C ALA B 72 26.21 14.64 3.30
N ASP B 73 25.66 14.73 4.50
CA ASP B 73 26.29 15.50 5.58
C ASP B 73 26.89 14.48 6.56
N LYS B 74 28.21 14.38 6.56
CA LYS B 74 28.89 13.45 7.45
C LYS B 74 28.73 13.74 8.92
N SER B 75 28.54 15.01 9.27
CA SER B 75 28.40 15.35 10.68
C SER B 75 27.09 14.89 11.32
N SER B 76 26.04 14.73 10.52
CA SER B 76 24.76 14.28 11.04
C SER B 76 24.36 12.91 10.48
N SER B 77 25.24 12.30 9.68
CA SER B 77 24.99 11.00 9.08
C SER B 77 23.68 11.00 8.28
N THR B 78 23.44 12.10 7.57
CA THR B 78 22.23 12.24 6.78
C THR B 78 22.53 12.40 5.28
N ALA B 79 21.78 11.66 4.46
CA ALA B 79 21.89 11.72 3.01
C ALA B 79 20.67 12.53 2.55
N TYR B 80 20.85 13.32 1.50
CA TYR B 80 19.76 14.14 0.99
C TYR B 80 19.62 13.97 -0.51
N MET B 81 18.38 14.11 -0.99
CA MET B 81 18.10 14.07 -2.42
C MET B 81 17.20 15.27 -2.73
N GLN B 82 17.70 16.15 -3.57
CA GLN B 82 16.95 17.33 -3.99
C GLN B 82 16.32 17.00 -5.32
N LEU B 83 15.02 17.27 -5.45
CA LEU B 83 14.29 17.06 -6.70
C LEU B 83 13.89 18.45 -7.17
N SER B 84 14.20 18.77 -8.42
CA SER B 84 13.94 20.09 -8.97
C SER B 84 12.85 20.15 -10.01
N THR B 85 12.20 21.31 -10.07
CA THR B 85 11.13 21.59 -11.04
C THR B 85 10.20 20.41 -11.20
N LEU B 86 9.40 20.17 -10.18
CA LEU B 86 8.53 19.02 -10.18
C LEU B 86 7.36 19.04 -11.12
N LYS B 87 7.08 17.87 -11.69
CA LYS B 87 5.95 17.69 -12.58
C LYS B 87 5.28 16.35 -12.33
N SER B 88 4.22 16.05 -13.08
CA SER B 88 3.41 14.83 -12.93
C SER B 88 4.17 13.54 -12.61
N GLU B 89 5.20 13.22 -13.40
CA GLU B 89 5.98 11.99 -13.22
C GLU B 89 6.75 11.91 -11.91
N ASP B 90 6.94 13.04 -11.25
CA ASP B 90 7.67 13.07 -9.99
C ASP B 90 6.86 12.62 -8.76
N SER B 91 5.54 12.52 -8.88
CA SER B 91 4.70 12.05 -7.77
C SER B 91 5.00 10.55 -7.62
N ALA B 92 5.61 10.18 -6.50
CA ALA B 92 6.00 8.80 -6.28
C ALA B 92 6.49 8.66 -4.85
N VAL B 93 6.86 7.43 -4.48
CA VAL B 93 7.42 7.16 -3.18
C VAL B 93 8.93 7.02 -3.45
N TYR B 94 9.76 7.69 -2.65
CA TYR B 94 11.22 7.63 -2.82
C TYR B 94 11.86 6.92 -1.63
N PHE B 95 12.68 5.92 -1.92
CA PHE B 95 13.40 5.16 -0.87
C PHE B 95 14.90 5.40 -0.91
N CYS B 96 15.54 5.41 0.27
CA CYS B 96 16.98 5.49 0.31
C CYS B 96 17.37 4.12 0.88
N THR B 97 18.55 3.64 0.53
CA THR B 97 18.97 2.34 1.01
C THR B 97 20.47 2.17 1.10
N ARG B 98 20.91 1.56 2.20
CA ARG B 98 22.32 1.25 2.34
C ARG B 98 22.32 -0.13 1.72
N TRP B 99 22.36 -0.14 0.39
CA TRP B 99 22.27 -1.33 -0.43
C TRP B 99 23.15 -2.52 -0.04
N GLY B 100 24.38 -2.23 0.37
CA GLY B 100 25.31 -3.26 0.80
C GLY B 100 26.32 -3.87 -0.16
N PHE B 101 26.30 -3.52 -1.43
CA PHE B 101 27.29 -4.08 -2.34
C PHE B 101 28.63 -3.45 -2.00
N ILE B 102 29.65 -4.27 -1.76
CA ILE B 102 30.99 -3.78 -1.44
C ILE B 102 31.79 -4.05 -2.71
N PRO B 103 31.97 -3.03 -3.56
CA PRO B 103 32.70 -3.18 -4.81
C PRO B 103 34.03 -3.95 -4.71
N VAL B 104 34.80 -3.69 -3.66
CA VAL B 104 36.09 -4.34 -3.49
C VAL B 104 36.01 -5.83 -3.17
N ARG B 105 34.94 -6.27 -2.48
CA ARG B 105 34.81 -7.69 -2.14
C ARG B 105 34.02 -8.42 -3.21
N GLU B 106 33.37 -7.68 -4.11
CA GLU B 106 32.52 -8.27 -5.15
C GLU B 106 31.46 -9.16 -4.47
N ASP B 107 31.06 -8.74 -3.29
CA ASP B 107 30.05 -9.44 -2.51
C ASP B 107 29.22 -8.39 -1.76
N TYR B 108 28.17 -8.85 -1.08
CA TYR B 108 27.24 -7.95 -0.40
C TYR B 108 27.12 -8.15 1.08
N VAL B 109 26.75 -7.06 1.76
CA VAL B 109 26.49 -7.08 3.19
C VAL B 109 24.97 -6.79 3.20
N MET B 110 24.28 -7.00 4.33
CA MET B 110 22.84 -6.77 4.38
C MET B 110 22.35 -5.39 3.94
N ASP B 111 21.25 -5.38 3.19
CA ASP B 111 20.63 -4.13 2.74
C ASP B 111 19.63 -3.64 3.79
N TYR B 112 19.66 -2.35 4.06
CA TYR B 112 18.72 -1.73 5.00
C TYR B 112 18.05 -0.59 4.23
N TRP B 113 16.74 -0.43 4.43
CA TRP B 113 15.99 0.58 3.69
C TRP B 113 15.26 1.56 4.59
N GLY B 114 15.01 2.76 4.08
CA GLY B 114 14.24 3.72 4.84
C GLY B 114 12.79 3.31 4.61
N GLN B 115 11.85 3.93 5.30
CA GLN B 115 10.44 3.61 5.16
C GLN B 115 9.77 4.24 3.92
N GLY B 116 10.49 5.09 3.20
CA GLY B 116 9.93 5.73 2.01
C GLY B 116 9.31 7.07 2.29
N THR B 117 9.42 8.00 1.33
CA THR B 117 8.84 9.34 1.44
C THR B 117 7.95 9.53 0.22
N LEU B 118 6.66 9.75 0.43
CA LEU B 118 5.69 9.96 -0.65
C LEU B 118 5.69 11.44 -1.03
N VAL B 119 5.81 11.73 -2.32
CA VAL B 119 5.79 13.11 -2.81
C VAL B 119 4.57 13.26 -3.71
N THR B 120 3.73 14.25 -3.42
CA THR B 120 2.54 14.51 -4.23
C THR B 120 2.73 15.87 -4.91
N VAL B 121 2.72 15.89 -6.24
CA VAL B 121 2.85 17.14 -7.00
C VAL B 121 1.44 17.59 -7.41
N SER B 122 0.93 18.64 -6.78
CA SER B 122 -0.42 19.13 -7.05
C SER B 122 -0.58 20.59 -6.64
N SER B 123 -1.55 21.27 -7.22
CA SER B 123 -1.78 22.64 -6.82
C SER B 123 -3.12 22.75 -6.09
N ALA B 124 -3.73 21.59 -5.77
CA ALA B 124 -5.02 21.52 -5.05
C ALA B 124 -4.83 21.94 -3.62
N LYS B 125 -5.84 22.58 -3.03
CA LYS B 125 -5.72 23.10 -1.69
C LYS B 125 -5.84 22.07 -0.57
N THR B 126 -5.15 22.32 0.53
CA THR B 126 -5.18 21.46 1.71
C THR B 126 -6.54 21.57 2.38
N THR B 127 -7.19 20.43 2.64
CA THR B 127 -8.51 20.42 3.23
C THR B 127 -8.61 19.44 4.38
N ALA B 128 -9.15 19.90 5.50
CA ALA B 128 -9.30 19.09 6.70
C ALA B 128 -10.46 18.13 6.48
N PRO B 129 -10.37 16.90 7.03
CA PRO B 129 -11.46 15.95 6.84
C PRO B 129 -12.65 16.08 7.78
N SER B 130 -13.74 15.44 7.40
CA SER B 130 -14.93 15.37 8.20
C SER B 130 -14.96 13.89 8.61
N VAL B 131 -15.14 13.61 9.90
CA VAL B 131 -15.15 12.23 10.40
C VAL B 131 -16.56 11.87 10.85
N TYR B 132 -17.12 10.81 10.27
CA TYR B 132 -18.48 10.35 10.57
C TYR B 132 -18.50 8.95 11.14
N PRO B 133 -19.16 8.77 12.31
CA PRO B 133 -19.25 7.45 12.96
C PRO B 133 -20.30 6.58 12.25
N LEU B 134 -20.04 5.30 12.13
CA LEU B 134 -20.98 4.41 11.48
C LEU B 134 -21.42 3.35 12.50
N ALA B 135 -22.64 3.52 13.00
CA ALA B 135 -23.26 2.61 13.98
C ALA B 135 -24.24 1.72 13.21
N PRO B 136 -24.31 0.44 13.57
CA PRO B 136 -25.23 -0.50 12.89
C PRO B 136 -26.72 -0.23 13.02
N VAL B 137 -27.48 -0.90 12.17
CA VAL B 137 -28.94 -0.87 12.13
C VAL B 137 -29.29 -2.16 11.39
N CYS B 138 -28.49 -2.45 10.36
CA CYS B 138 -28.59 -3.67 9.53
C CYS B 138 -27.16 -4.19 9.34
N GLY B 139 -26.19 -3.33 9.69
CA GLY B 139 -24.78 -3.69 9.64
C GLY B 139 -24.42 -4.21 11.02
N ASP B 140 -25.42 -4.77 11.68
CA ASP B 140 -25.31 -5.35 13.03
C ASP B 140 -24.79 -6.80 12.99
N THR B 141 -25.03 -7.47 11.86
CA THR B 141 -24.64 -8.87 11.63
C THR B 141 -25.32 -9.77 12.68
N THR B 142 -26.48 -9.31 13.17
CA THR B 142 -27.28 -10.03 14.17
C THR B 142 -26.51 -10.06 15.52
N GLY B 143 -26.66 -11.13 16.30
CA GLY B 143 -25.96 -11.22 17.55
C GLY B 143 -24.58 -11.82 17.35
N SER B 144 -23.88 -12.11 18.44
CA SER B 144 -22.55 -12.69 18.41
C SER B 144 -21.49 -11.60 18.24
N SER B 145 -21.37 -11.06 17.03
CA SER B 145 -20.40 -10.00 16.75
C SER B 145 -21.07 -8.88 15.96
N VAL B 146 -20.66 -7.65 16.23
CA VAL B 146 -21.20 -6.49 15.54
C VAL B 146 -20.03 -5.69 14.93
N THR B 147 -20.22 -5.15 13.73
CA THR B 147 -19.17 -4.34 13.14
C THR B 147 -19.57 -2.86 13.08
N LEU B 148 -18.62 -2.02 13.48
CA LEU B 148 -18.78 -0.58 13.50
C LEU B 148 -17.88 -0.01 12.39
N GLY B 149 -18.03 1.27 12.09
CA GLY B 149 -17.22 1.86 11.06
C GLY B 149 -16.92 3.31 11.32
N CYS B 150 -16.04 3.86 10.50
CA CYS B 150 -15.66 5.24 10.62
C CYS B 150 -15.40 5.72 9.21
N LEU B 151 -16.07 6.81 8.81
CA LEU B 151 -15.92 7.37 7.47
C LEU B 151 -15.20 8.71 7.54
N VAL B 152 -14.05 8.79 6.87
CA VAL B 152 -13.26 10.03 6.84
C VAL B 152 -13.33 10.54 5.42
N LYS B 153 -14.03 11.65 5.21
CA LYS B 153 -14.13 12.17 3.85
C LYS B 153 -13.88 13.65 3.61
N GLY B 154 -13.53 13.96 2.37
CA GLY B 154 -13.28 15.33 1.95
C GLY B 154 -11.97 15.94 2.39
N TYR B 155 -10.88 15.18 2.38
CA TYR B 155 -9.60 15.75 2.80
C TYR B 155 -8.56 15.73 1.68
N PHE B 156 -7.55 16.57 1.82
CA PHE B 156 -6.44 16.61 0.89
C PHE B 156 -5.29 17.30 1.62
N PRO B 157 -4.06 16.77 1.52
CA PRO B 157 -3.66 15.57 0.77
C PRO B 157 -3.53 14.38 1.74
N GLU B 158 -2.98 13.28 1.24
CA GLU B 158 -2.72 12.09 2.05
C GLU B 158 -1.42 12.43 2.81
N PRO B 159 -1.14 11.77 3.95
CA PRO B 159 -1.94 10.72 4.59
C PRO B 159 -2.81 11.19 5.75
N VAL B 160 -3.62 10.27 6.22
CA VAL B 160 -4.47 10.50 7.36
C VAL B 160 -4.14 9.26 8.22
N THR B 161 -4.25 9.38 9.55
CA THR B 161 -3.98 8.28 10.47
C THR B 161 -5.27 7.94 11.20
N LEU B 162 -5.70 6.68 11.15
CA LEU B 162 -6.92 6.25 11.83
C LEU B 162 -6.62 5.06 12.73
N THR B 163 -6.95 5.21 14.01
CA THR B 163 -6.77 4.13 14.99
C THR B 163 -8.09 3.99 15.75
N TRP B 164 -8.24 2.88 16.45
CA TRP B 164 -9.44 2.61 17.24
C TRP B 164 -9.02 2.51 18.72
N ASN B 165 -9.69 3.27 19.58
CA ASN B 165 -9.40 3.28 21.03
C ASN B 165 -7.91 3.55 21.27
N SER B 166 -7.41 4.54 20.53
CA SER B 166 -6.03 5.00 20.59
C SER B 166 -4.96 3.96 20.29
N GLY B 167 -5.32 2.92 19.55
CA GLY B 167 -4.38 1.89 19.21
C GLY B 167 -4.65 0.61 19.98
N SER B 168 -5.39 0.74 21.07
CA SER B 168 -5.74 -0.41 21.91
C SER B 168 -6.45 -1.51 21.15
N LEU B 169 -7.44 -1.13 20.37
CA LEU B 169 -8.22 -2.07 19.61
C LEU B 169 -7.60 -2.20 18.23
N SER B 170 -6.91 -3.30 17.98
CA SER B 170 -6.27 -3.50 16.67
C SER B 170 -6.73 -4.76 15.95
N SER B 171 -7.33 -5.71 16.68
CA SER B 171 -7.79 -6.90 16.02
C SER B 171 -9.21 -6.74 15.56
N GLY B 172 -9.47 -7.25 14.35
CA GLY B 172 -10.79 -7.14 13.76
C GLY B 172 -10.97 -5.78 13.08
N VAL B 173 -9.85 -5.14 12.73
CA VAL B 173 -9.86 -3.84 12.07
C VAL B 173 -9.44 -3.93 10.62
N HIS B 174 -10.19 -3.24 9.75
CA HIS B 174 -9.86 -3.20 8.33
C HIS B 174 -9.90 -1.72 7.96
N THR B 175 -8.77 -1.20 7.48
CA THR B 175 -8.71 0.20 7.06
C THR B 175 -8.49 0.18 5.57
N PHE B 176 -9.38 0.82 4.83
CA PHE B 176 -9.31 0.81 3.39
C PHE B 176 -8.48 1.94 2.80
N PRO B 177 -7.72 1.65 1.74
CA PRO B 177 -6.90 2.67 1.09
C PRO B 177 -7.79 3.82 0.65
N ALA B 178 -7.29 5.04 0.77
CA ALA B 178 -8.03 6.21 0.38
C ALA B 178 -8.17 6.27 -1.13
N VAL B 179 -9.31 6.79 -1.56
CA VAL B 179 -9.59 6.94 -2.98
C VAL B 179 -9.84 8.41 -3.26
N LEU B 180 -9.20 8.91 -4.31
CA LEU B 180 -9.31 10.32 -4.71
C LEU B 180 -10.48 10.52 -5.69
N GLN B 181 -11.26 11.56 -5.47
CA GLN B 181 -12.35 11.93 -6.36
C GLN B 181 -12.61 13.41 -6.17
N SER B 182 -12.63 14.16 -7.27
CA SER B 182 -12.88 15.60 -7.23
C SER B 182 -11.96 16.36 -6.28
N ASP B 183 -10.66 16.10 -6.40
CA ASP B 183 -9.64 16.77 -5.58
C ASP B 183 -9.71 16.48 -4.08
N LEU B 184 -10.49 15.48 -3.69
CA LEU B 184 -10.62 15.15 -2.27
C LEU B 184 -10.54 13.62 -2.09
N TYR B 185 -9.95 13.17 -0.99
CA TYR B 185 -9.84 11.74 -0.70
C TYR B 185 -10.94 11.30 0.28
N THR B 186 -11.27 10.02 0.24
CA THR B 186 -12.25 9.43 1.14
C THR B 186 -11.60 8.16 1.67
N LEU B 187 -11.72 7.90 2.97
CA LEU B 187 -11.15 6.72 3.56
C LEU B 187 -12.13 6.18 4.58
N SER B 188 -12.10 4.88 4.81
CA SER B 188 -13.00 4.28 5.80
C SER B 188 -12.34 3.10 6.48
N SER B 189 -12.88 2.71 7.62
CA SER B 189 -12.35 1.61 8.38
C SER B 189 -13.51 0.96 9.10
N SER B 190 -13.45 -0.36 9.26
CA SER B 190 -14.47 -1.10 9.99
C SER B 190 -13.80 -1.89 11.12
N VAL B 191 -14.53 -2.06 12.21
CA VAL B 191 -14.01 -2.83 13.34
C VAL B 191 -15.11 -3.82 13.76
N THR B 192 -14.75 -5.09 13.90
CA THR B 192 -15.71 -6.13 14.31
C THR B 192 -15.40 -6.55 15.74
N VAL B 193 -16.42 -6.43 16.60
CA VAL B 193 -16.32 -6.79 18.01
C VAL B 193 -17.50 -7.72 18.36
N THR B 194 -17.52 -8.28 19.57
CA THR B 194 -18.62 -9.18 20.00
C THR B 194 -19.77 -8.37 20.62
N SER B 195 -20.99 -8.88 20.53
CA SER B 195 -22.17 -8.19 21.07
C SER B 195 -22.03 -7.81 22.55
N SER B 196 -21.17 -8.53 23.26
CA SER B 196 -20.93 -8.28 24.69
C SER B 196 -20.13 -7.01 24.93
N THR B 197 -19.20 -6.73 24.02
CA THR B 197 -18.33 -5.57 24.12
C THR B 197 -19.11 -4.28 23.84
N TRP B 198 -19.66 -4.17 22.63
CA TRP B 198 -20.41 -2.99 22.26
C TRP B 198 -21.88 -3.35 22.41
N PRO B 199 -22.72 -2.40 22.84
CA PRO B 199 -22.40 -1.01 23.20
C PRO B 199 -21.80 -0.82 24.58
N SER B 200 -21.82 -1.88 25.39
CA SER B 200 -21.32 -1.85 26.77
C SER B 200 -20.07 -0.98 27.03
N GLN B 201 -18.95 -1.31 26.40
CA GLN B 201 -17.75 -0.50 26.56
C GLN B 201 -17.64 0.27 25.25
N SER B 202 -17.25 1.54 25.32
CA SER B 202 -17.17 2.38 24.14
C SER B 202 -16.05 2.14 23.12
N ILE B 203 -16.37 2.45 21.87
CA ILE B 203 -15.44 2.26 20.78
C ILE B 203 -15.30 3.63 20.16
N THR B 204 -14.06 4.09 20.05
CA THR B 204 -13.78 5.40 19.49
C THR B 204 -12.77 5.39 18.34
N CYS B 205 -13.12 6.12 17.30
CA CYS B 205 -12.34 6.27 16.09
C CYS B 205 -11.46 7.51 16.23
N ASN B 206 -10.14 7.34 16.10
CA ASN B 206 -9.19 8.45 16.22
C ASN B 206 -8.65 8.80 14.85
N VAL B 207 -8.74 10.07 14.45
CA VAL B 207 -8.24 10.47 13.15
C VAL B 207 -7.30 11.65 13.25
N ALA B 208 -6.20 11.57 12.52
CA ALA B 208 -5.21 12.65 12.48
C ALA B 208 -4.88 12.98 11.03
N HIS B 209 -4.86 14.27 10.69
CA HIS B 209 -4.53 14.67 9.34
C HIS B 209 -3.46 15.73 9.56
N PRO B 210 -2.18 15.32 9.60
CA PRO B 210 -1.08 16.27 9.83
C PRO B 210 -1.06 17.50 8.92
N ALA B 211 -1.22 17.31 7.61
CA ALA B 211 -1.21 18.43 6.66
C ALA B 211 -2.09 19.61 7.11
N SER B 212 -3.20 19.34 7.79
CA SER B 212 -4.07 20.41 8.27
C SER B 212 -4.14 20.53 9.81
N SER B 213 -3.24 19.85 10.52
CA SER B 213 -3.24 19.90 11.97
C SER B 213 -4.60 19.55 12.53
N THR B 214 -5.22 18.54 11.96
CA THR B 214 -6.53 18.14 12.42
C THR B 214 -6.40 16.87 13.21
N LYS B 215 -7.00 16.83 14.38
CA LYS B 215 -6.98 15.65 15.22
C LYS B 215 -8.41 15.58 15.78
N VAL B 216 -9.13 14.52 15.45
CA VAL B 216 -10.51 14.38 15.89
C VAL B 216 -10.86 12.97 16.39
N ASP B 217 -11.65 12.91 17.45
CA ASP B 217 -12.10 11.66 18.05
C ASP B 217 -13.62 11.52 17.90
N LYS B 218 -14.08 10.39 17.38
CA LYS B 218 -15.51 10.14 17.23
C LYS B 218 -15.89 8.84 17.95
N LYS B 219 -16.78 8.96 18.94
CA LYS B 219 -17.26 7.82 19.71
C LYS B 219 -18.45 7.25 18.95
N ILE B 220 -18.52 5.94 18.83
CA ILE B 220 -19.63 5.31 18.12
C ILE B 220 -20.79 5.05 19.08
N GLU B 221 -21.76 5.97 19.10
CA GLU B 221 -22.93 5.85 19.95
C GLU B 221 -24.04 5.11 19.19
N PRO B 222 -24.88 4.35 19.91
CA PRO B 222 -25.97 3.59 19.27
C PRO B 222 -26.98 4.50 18.54
ZN ZN C . 27.35 -13.07 -0.95
ZN ZN D . 26.34 -2.77 -20.55
ZN ZN E . -36.74 6.26 -4.94
ZN ZN F . -41.03 5.89 -7.43
ZN ZN G . -37.62 5.81 -8.11
ZN ZN H . -40.20 6.88 -4.35
ZN ZN I . 29.58 -3.13 -21.51
P1 PDE J . 24.57 -4.26 -7.64
O1 PDE J . 23.62 -3.27 -8.56
O2 PDE J . 25.06 -3.48 -6.51
O3 PDE J . 23.84 -5.49 -7.33
C8 PDE J . 25.89 -4.63 -8.74
C9 PDE J . 26.69 -3.45 -9.20
C10 PDE J . 27.88 -3.96 -10.04
C11 PDE J . 28.50 -2.79 -10.88
N2 PDE J . 27.82 -2.46 -12.04
O6 PDE J . 29.47 -2.21 -10.45
C12 PDE J . 27.59 -1.12 -12.67
C1D PDE J . 26.27 -0.58 -13.09
C13 PDE J . 28.52 0.02 -12.11
O7 PDE J . 29.54 0.34 -12.73
O8 PDE J . 28.21 0.57 -11.06
C1 PDE J . 22.48 -2.72 -8.04
C2 PDE J . 22.60 -1.69 -7.10
C6 PDE J . 21.27 -3.27 -8.44
C4 PDE J . 20.18 -1.72 -6.88
C5 PDE J . 20.11 -2.76 -7.85
C3 PDE J . 21.42 -1.21 -6.52
N1 PDE J . 18.94 -1.23 -6.20
O4 PDE J . 18.98 -0.31 -5.35
O5 PDE J . 17.83 -1.77 -6.45
#